data_8HFO
#
_entry.id   8HFO
#
_cell.length_a   168.113
_cell.length_b   168.113
_cell.length_c   52.300
_cell.angle_alpha   90.00
_cell.angle_beta   90.00
_cell.angle_gamma   120.00
#
_symmetry.space_group_name_H-M   'P 61'
#
loop_
_entity.id
_entity.type
_entity.pdbx_description
1 polymer 'L-cysteine:1D-myo-inositol 2-amino-2-deoxy-alpha-D-glucopyranoside ligase'
2 non-polymer N-[(3M)-3-(thiophen-2-yl)benzene-1-sulfonyl]-L-cysteinamide
3 non-polymer 'ZINC ION'
4 non-polymer 'CALCIUM ION'
5 water water
#
_entity_poly.entity_id   1
_entity_poly.type   'polypeptide(L)'
_entity_poly.pdbx_seq_one_letter_code
;GMQSWSAPAIPVVPGRGPALRLFDSADRQVRPVTPGPTATMYVCGITPYDATHLGHAATYLTFDLVHRLWLDAGHTVQYV
QNVTDVDDPLFERAERDGIDWRTLGDRETQLFREDMAALRVLPPHDYVAATDAIAEVVEMVEKLLASGAAYIVEDAEYPD
VYFRADATAQFGYESGYDRDTMLTLFAERGGDPDRPGKSDQLDALLWRAERPGEPSWPSPFGRGRPGWHVECSAIALTRI
GTGLDIQGGGSDLIFPHHEYSAAHAESVTGERRFARHYVHTGMIGWDGHKMSKSRGNLVLVSQLRAQGVDPSAIRLGLFS
GHYREDRFWSNEVLDEANARLARWRSATALPEAPDATDVIARVRQYLADDLDTPKALAALDGWCTDALSYGGHDTESPRL
VATTVDALLGVDL
;
_entity_poly.pdbx_strand_id   A
#
loop_
_chem_comp.id
_chem_comp.type
_chem_comp.name
_chem_comp.formula
CA non-polymer 'CALCIUM ION' 'Ca 2'
XG8 non-polymer N-[(3M)-3-(thiophen-2-yl)benzene-1-sulfonyl]-L-cysteinamide 'C13 H14 N2 O3 S3'
ZN non-polymer 'ZINC ION' 'Zn 2'
#
# COMPACT_ATOMS: atom_id res chain seq x y z
N GLY A 1 -2.45 -5.11 17.60
CA GLY A 1 -3.12 -6.39 17.30
C GLY A 1 -2.11 -7.45 16.97
N MET A 2 -1.71 -7.55 15.71
CA MET A 2 -0.68 -8.53 15.31
C MET A 2 0.69 -7.83 15.39
N GLN A 3 1.74 -8.61 15.59
CA GLN A 3 3.10 -8.04 15.62
C GLN A 3 3.46 -7.62 14.20
N SER A 4 3.98 -6.40 14.04
CA SER A 4 4.42 -5.95 12.70
C SER A 4 5.89 -6.28 12.53
N TRP A 5 6.68 -5.31 12.09
CA TRP A 5 8.14 -5.52 12.00
C TRP A 5 8.84 -4.50 12.89
N SER A 6 10.17 -4.50 12.87
CA SER A 6 10.94 -3.57 13.73
C SER A 6 11.27 -2.32 12.92
N ALA A 7 11.40 -1.19 13.60
CA ALA A 7 11.62 0.06 12.88
C ALA A 7 13.12 0.36 12.78
N PRO A 8 13.59 0.76 11.61
CA PRO A 8 14.96 1.25 11.51
C PRO A 8 15.11 2.57 12.26
N ALA A 9 16.36 2.97 12.46
CA ALA A 9 16.60 4.29 13.04
C ALA A 9 16.12 5.37 12.09
N ILE A 10 15.65 6.47 12.66
CA ILE A 10 15.14 7.59 11.86
C ILE A 10 15.87 8.84 12.32
N PRO A 11 16.98 9.20 11.69
CA PRO A 11 17.63 10.47 12.04
C PRO A 11 16.71 11.64 11.71
N VAL A 12 16.84 12.70 12.49
CA VAL A 12 16.10 13.94 12.27
C VAL A 12 17.00 14.91 11.52
N VAL A 13 16.52 15.43 10.41
CA VAL A 13 17.28 16.36 9.57
C VAL A 13 16.82 17.77 9.88
N PRO A 14 17.73 18.69 10.22
CA PRO A 14 17.32 20.08 10.45
C PRO A 14 16.68 20.68 9.21
N GLY A 15 15.65 21.50 9.43
CA GLY A 15 14.97 22.20 8.35
C GLY A 15 13.69 21.50 7.93
N ARG A 16 12.99 22.17 7.01
CA ARG A 16 11.79 21.63 6.39
C ARG A 16 11.76 22.08 4.94
N GLY A 17 11.10 21.26 4.11
CA GLY A 17 10.86 21.62 2.74
C GLY A 17 9.39 21.85 2.50
N PRO A 18 8.99 21.93 1.23
CA PRO A 18 7.57 22.13 0.91
C PRO A 18 6.72 20.97 1.42
N ALA A 19 5.46 21.30 1.74
CA ALA A 19 4.49 20.28 2.14
C ALA A 19 4.19 19.34 0.98
N LEU A 20 3.84 18.10 1.32
CA LEU A 20 3.55 17.09 0.31
C LEU A 20 2.39 17.51 -0.57
N ARG A 21 2.59 17.43 -1.88
CA ARG A 21 1.50 17.43 -2.84
C ARG A 21 1.47 16.06 -3.51
N LEU A 22 0.37 15.35 -3.37
CA LEU A 22 0.22 14.03 -3.96
C LEU A 22 -0.86 14.04 -5.04
N PHE A 23 -0.73 13.07 -5.94
CA PHE A 23 -1.79 12.80 -6.91
C PHE A 23 -2.90 12.01 -6.21
N ASP A 24 -4.13 12.46 -6.40
CA ASP A 24 -5.32 11.78 -5.89
C ASP A 24 -5.99 11.08 -7.07
N SER A 25 -5.99 9.74 -7.04
CA SER A 25 -6.59 8.98 -8.13
C SER A 25 -8.04 9.37 -8.36
N ALA A 26 -8.79 9.64 -7.28
CA ALA A 26 -10.20 10.01 -7.41
C ALA A 26 -10.38 11.24 -8.27
N ASP A 27 -9.84 12.37 -7.81
CA ASP A 27 -9.98 13.63 -8.54
C ASP A 27 -9.13 13.68 -9.79
N ARG A 28 -8.28 12.68 -10.04
CA ARG A 28 -7.46 12.60 -11.25
C ARG A 28 -6.56 13.84 -11.41
N GLN A 29 -6.01 14.32 -10.30
CA GLN A 29 -5.17 15.52 -10.33
C GLN A 29 -4.31 15.57 -9.08
N VAL A 30 -3.25 16.38 -9.14
CA VAL A 30 -2.35 16.55 -8.01
C VAL A 30 -2.92 17.65 -7.11
N ARG A 31 -3.26 17.29 -5.88
CA ARG A 31 -3.68 18.25 -4.88
C ARG A 31 -2.77 18.19 -3.66
N PRO A 32 -2.71 19.26 -2.87
CA PRO A 32 -1.90 19.22 -1.65
C PRO A 32 -2.47 18.25 -0.64
N VAL A 33 -1.58 17.50 0.00
CA VAL A 33 -1.94 16.66 1.13
C VAL A 33 -1.83 17.55 2.36
N THR A 34 -2.97 18.04 2.85
CA THR A 34 -2.98 18.84 4.05
C THR A 34 -3.53 17.99 5.19
N PRO A 35 -2.66 17.43 6.03
CA PRO A 35 -3.12 16.60 7.13
C PRO A 35 -3.33 17.41 8.40
N GLY A 36 -3.86 16.74 9.42
CA GLY A 36 -3.97 17.33 10.72
C GLY A 36 -2.64 17.30 11.44
N PRO A 37 -2.64 17.57 12.75
CA PRO A 37 -1.39 17.38 13.51
C PRO A 37 -1.01 15.91 13.65
N THR A 38 -2.00 15.04 13.87
CA THR A 38 -1.84 13.60 13.71
C THR A 38 -2.28 13.24 12.30
N ALA A 39 -1.34 12.85 11.45
CA ALA A 39 -1.61 12.54 10.06
C ALA A 39 -1.87 11.05 9.89
N THR A 40 -2.90 10.70 9.12
CA THR A 40 -3.44 9.34 9.09
C THR A 40 -3.30 8.70 7.71
N MET A 41 -2.89 7.43 7.71
CA MET A 41 -2.68 6.67 6.49
C MET A 41 -3.15 5.24 6.69
N TYR A 42 -3.93 4.74 5.74
CA TYR A 42 -4.28 3.32 5.66
C TYR A 42 -3.86 2.78 4.30
N VAL A 43 -2.99 1.78 4.30
CA VAL A 43 -2.55 1.16 3.07
C VAL A 43 -2.99 -0.29 3.10
N CYS A 44 -3.68 -0.72 2.05
CA CYS A 44 -4.16 -2.09 1.95
C CYS A 44 -2.98 -3.04 1.97
N GLY A 45 -3.04 -4.00 2.91
CA GLY A 45 -1.95 -4.92 3.17
C GLY A 45 -1.92 -6.09 2.20
N ILE A 46 -1.23 -7.12 2.62
CA ILE A 46 -0.98 -8.25 1.72
C ILE A 46 -2.04 -9.32 1.93
N THR A 47 -2.20 -10.15 0.91
CA THR A 47 -2.85 -11.43 1.05
C THR A 47 -1.75 -12.47 1.18
N PRO A 48 -1.61 -13.13 2.34
CA PRO A 48 -0.34 -13.84 2.64
C PRO A 48 -0.09 -15.08 1.82
N TYR A 49 0.31 -14.85 0.57
CA TYR A 49 0.73 -15.92 -0.37
C TYR A 49 1.61 -15.17 -1.38
N ASP A 50 2.69 -15.79 -1.85
CA ASP A 50 3.64 -15.16 -2.81
C ASP A 50 4.56 -14.16 -2.09
N ALA A 51 4.96 -14.46 -0.86
CA ALA A 51 5.92 -13.65 -0.06
C ALA A 51 5.85 -12.18 -0.35
N THR A 52 7.03 -11.61 -0.57
CA THR A 52 7.07 -10.18 -0.94
C THR A 52 7.55 -10.11 -2.38
N HIS A 53 6.60 -10.04 -3.31
CA HIS A 53 7.01 -9.83 -4.72
C HIS A 53 7.32 -8.35 -4.92
N LEU A 54 7.91 -8.01 -6.05
CA LEU A 54 8.32 -6.61 -6.24
C LEU A 54 7.10 -5.71 -6.35
N GLY A 55 5.93 -6.26 -6.66
CA GLY A 55 4.70 -5.44 -6.65
C GLY A 55 4.38 -5.01 -5.25
N HIS A 56 4.43 -5.95 -4.30
CA HIS A 56 4.22 -5.59 -2.88
C HIS A 56 5.28 -4.57 -2.50
N ALA A 57 6.54 -4.89 -2.78
CA ALA A 57 7.64 -3.98 -2.40
C ALA A 57 7.38 -2.58 -2.95
N ALA A 58 7.28 -2.45 -4.26
CA ALA A 58 7.11 -1.13 -4.90
C ALA A 58 6.01 -0.37 -4.17
N THR A 59 5.02 -1.11 -3.66
CA THR A 59 3.88 -0.44 -3.05
C THR A 59 4.23 0.09 -1.65
N TYR A 60 4.70 -0.78 -0.75
CA TYR A 60 4.94 -0.31 0.61
C TYR A 60 6.17 0.57 0.71
N LEU A 61 7.10 0.46 -0.24
CA LEU A 61 8.21 1.41 -0.32
C LEU A 61 7.71 2.79 -0.70
N THR A 62 6.73 2.87 -1.61
CA THR A 62 6.22 4.18 -2.00
C THR A 62 5.59 4.88 -0.80
N PHE A 63 4.76 4.15 -0.05
CA PHE A 63 4.17 4.78 1.13
C PHE A 63 5.19 4.94 2.25
N ASP A 64 6.32 4.24 2.17
CA ASP A 64 7.42 4.55 3.07
C ASP A 64 7.85 6.00 2.88
N LEU A 65 8.06 6.40 1.62
CA LEU A 65 8.39 7.79 1.29
C LEU A 65 7.42 8.76 1.95
N VAL A 66 6.13 8.53 1.79
CA VAL A 66 5.13 9.39 2.41
C VAL A 66 5.30 9.37 3.93
N HIS A 67 5.40 8.16 4.50
CA HIS A 67 5.68 8.02 5.92
C HIS A 67 6.88 8.87 6.33
N ARG A 68 7.99 8.75 5.61
CA ARG A 68 9.22 9.45 6.00
C ARG A 68 9.11 10.95 5.71
N LEU A 69 8.65 11.32 4.52
CA LEU A 69 8.50 12.73 4.22
C LEU A 69 7.56 13.43 5.20
N TRP A 70 6.54 12.72 5.69
CA TRP A 70 5.67 13.28 6.71
C TRP A 70 6.43 13.50 8.02
N LEU A 71 7.25 12.52 8.43
CA LEU A 71 7.98 12.65 9.67
C LEU A 71 8.94 13.83 9.63
N ASP A 72 9.61 14.03 8.49
CA ASP A 72 10.56 15.12 8.36
C ASP A 72 9.90 16.49 8.48
N ALA A 73 8.64 16.60 8.05
CA ALA A 73 7.91 17.85 8.18
C ALA A 73 7.43 18.12 9.60
N GLY A 74 7.53 17.13 10.49
CA GLY A 74 7.17 17.32 11.88
C GLY A 74 5.86 16.69 12.30
N HIS A 75 5.21 15.93 11.43
CA HIS A 75 3.94 15.31 11.76
C HIS A 75 4.16 14.06 12.57
N THR A 76 3.25 13.80 13.51
CA THR A 76 3.11 12.47 14.07
C THR A 76 2.19 11.66 13.18
N VAL A 77 2.50 10.38 13.00
CA VAL A 77 1.91 9.58 11.94
C VAL A 77 1.22 8.35 12.53
N GLN A 78 -0.01 8.12 12.09
CA GLN A 78 -0.75 6.89 12.40
C GLN A 78 -0.92 6.15 11.09
N TYR A 79 -0.21 5.02 10.96
CA TYR A 79 -0.16 4.21 9.76
C TYR A 79 -0.75 2.85 10.12
N VAL A 80 -1.88 2.52 9.51
CA VAL A 80 -2.57 1.23 9.78
C VAL A 80 -2.55 0.37 8.52
N GLN A 81 -2.00 -0.84 8.60
CA GLN A 81 -2.00 -1.77 7.46
C GLN A 81 -2.77 -3.01 7.92
N ASN A 82 -3.16 -3.87 6.99
CA ASN A 82 -3.99 -5.04 7.37
C ASN A 82 -3.45 -6.30 6.72
N VAL A 83 -3.92 -7.46 7.17
CA VAL A 83 -3.59 -8.69 6.46
C VAL A 83 -4.91 -9.36 6.10
N THR A 84 -5.08 -9.68 4.82
CA THR A 84 -6.23 -10.43 4.35
C THR A 84 -5.91 -11.91 4.53
N ASP A 85 -5.92 -12.35 5.80
CA ASP A 85 -5.52 -13.72 6.11
C ASP A 85 -6.59 -14.76 5.84
N VAL A 86 -7.79 -14.36 5.40
CA VAL A 86 -8.79 -15.28 4.90
C VAL A 86 -9.41 -14.67 3.65
N ASP A 87 -9.41 -15.44 2.56
CA ASP A 87 -9.61 -14.87 1.24
C ASP A 87 -9.63 -15.99 0.19
N ASP A 88 -10.39 -15.81 -0.90
CA ASP A 88 -10.57 -16.93 -1.81
C ASP A 88 -9.30 -17.31 -2.55
N PRO A 89 -8.55 -16.37 -3.17
CA PRO A 89 -7.21 -16.73 -3.67
C PRO A 89 -6.35 -17.49 -2.66
N LEU A 90 -6.42 -17.14 -1.39
CA LEU A 90 -5.63 -17.83 -0.38
C LEU A 90 -6.02 -19.31 -0.29
N PHE A 91 -7.34 -19.59 -0.30
CA PHE A 91 -7.78 -20.98 -0.22
C PHE A 91 -7.41 -21.74 -1.48
N GLU A 92 -7.43 -21.07 -2.64
CA GLU A 92 -7.05 -21.77 -3.86
C GLU A 92 -5.58 -22.13 -3.84
N ARG A 93 -4.73 -21.25 -3.31
CA ARG A 93 -3.33 -21.57 -3.19
C ARG A 93 -3.12 -22.72 -2.21
N ALA A 94 -3.79 -22.66 -1.06
CA ALA A 94 -3.65 -23.72 -0.07
C ALA A 94 -4.05 -25.08 -0.62
N GLU A 95 -5.16 -25.16 -1.36
CA GLU A 95 -5.61 -26.46 -1.83
C GLU A 95 -4.71 -27.00 -2.95
N ARG A 96 -4.27 -26.12 -3.86
CA ARG A 96 -3.34 -26.54 -4.90
C ARG A 96 -2.02 -27.00 -4.31
N ASP A 97 -1.45 -26.18 -3.44
CA ASP A 97 -0.14 -26.42 -2.85
C ASP A 97 -0.15 -27.53 -1.81
N GLY A 98 -1.30 -28.14 -1.54
CA GLY A 98 -1.37 -29.22 -0.56
C GLY A 98 -0.94 -28.81 0.83
N ILE A 99 -1.24 -27.59 1.24
CA ILE A 99 -0.84 -27.07 2.54
C ILE A 99 -2.06 -26.39 3.15
N ASP A 100 -2.10 -26.34 4.49
CA ASP A 100 -3.20 -25.71 5.18
C ASP A 100 -3.16 -24.19 5.01
N TRP A 101 -4.36 -23.59 4.92
CA TRP A 101 -4.48 -22.16 4.62
C TRP A 101 -3.96 -21.28 5.74
N ARG A 102 -4.21 -21.66 7.00
CA ARG A 102 -3.72 -20.85 8.10
C ARG A 102 -2.21 -20.99 8.25
N THR A 103 -1.70 -22.22 8.19
CA THR A 103 -0.26 -22.44 8.23
C THR A 103 0.43 -21.68 7.10
N LEU A 104 -0.17 -21.68 5.91
CA LEU A 104 0.36 -20.91 4.80
C LEU A 104 0.45 -19.43 5.14
N GLY A 105 -0.67 -18.85 5.57
CA GLY A 105 -0.71 -17.40 5.76
C GLY A 105 0.20 -16.93 6.88
N ASP A 106 0.27 -17.72 7.98
CA ASP A 106 1.16 -17.36 9.08
C ASP A 106 2.62 -17.33 8.61
N ARG A 107 3.04 -18.37 7.88
CA ARG A 107 4.41 -18.41 7.39
C ARG A 107 4.65 -17.31 6.37
N GLU A 108 3.63 -16.96 5.58
CA GLU A 108 3.82 -15.93 4.57
C GLU A 108 3.84 -14.52 5.19
N THR A 109 3.02 -14.28 6.22
CA THR A 109 3.11 -13.01 6.94
C THR A 109 4.49 -12.86 7.57
N GLN A 110 5.04 -13.96 8.09
CA GLN A 110 6.39 -13.93 8.63
C GLN A 110 7.41 -13.54 7.57
N LEU A 111 7.27 -14.08 6.36
CA LEU A 111 8.18 -13.74 5.27
C LEU A 111 8.07 -12.28 4.90
N PHE A 112 6.84 -11.74 4.89
CA PHE A 112 6.63 -10.33 4.62
C PHE A 112 7.27 -9.46 5.70
N ARG A 113 7.07 -9.84 6.97
CA ARG A 113 7.72 -9.14 8.08
C ARG A 113 9.20 -8.98 7.84
N GLU A 114 9.87 -10.08 7.50
CA GLU A 114 11.32 -10.03 7.40
C GLU A 114 11.77 -9.21 6.18
N ASP A 115 11.06 -9.35 5.06
CA ASP A 115 11.39 -8.54 3.90
C ASP A 115 11.21 -7.04 4.18
N MET A 116 10.14 -6.67 4.89
CA MET A 116 9.97 -5.26 5.26
C MET A 116 11.07 -4.79 6.21
N ALA A 117 11.40 -5.59 7.21
CA ALA A 117 12.52 -5.20 8.08
C ALA A 117 13.82 -5.10 7.29
N ALA A 118 14.04 -6.04 6.35
CA ALA A 118 15.21 -5.96 5.50
C ALA A 118 15.18 -4.73 4.60
N LEU A 119 14.00 -4.34 4.11
CA LEU A 119 13.94 -3.18 3.23
C LEU A 119 13.87 -1.87 4.00
N ARG A 120 13.82 -1.94 5.33
CA ARG A 120 13.83 -0.75 6.20
C ARG A 120 12.57 0.10 6.03
N VAL A 121 11.44 -0.56 5.82
CA VAL A 121 10.15 0.12 5.79
C VAL A 121 9.69 0.33 7.23
N LEU A 122 9.25 1.55 7.57
CA LEU A 122 8.78 1.74 8.92
C LEU A 122 7.50 0.94 9.14
N PRO A 123 7.34 0.31 10.29
CA PRO A 123 6.17 -0.52 10.54
C PRO A 123 4.92 0.33 10.63
N PRO A 124 3.76 -0.26 10.42
CA PRO A 124 2.53 0.43 10.81
C PRO A 124 2.38 0.36 12.33
N HIS A 125 1.56 1.26 12.86
CA HIS A 125 1.36 1.31 14.30
C HIS A 125 0.26 0.36 14.78
N ASP A 126 -0.68 0.00 13.92
CA ASP A 126 -1.68 -1.02 14.21
C ASP A 126 -1.67 -1.98 13.04
N TYR A 127 -1.30 -3.22 13.29
CA TYR A 127 -1.26 -4.28 12.30
C TYR A 127 -2.41 -5.23 12.60
N VAL A 128 -3.42 -5.25 11.73
CA VAL A 128 -4.70 -5.87 12.04
C VAL A 128 -4.99 -6.99 11.05
N ALA A 129 -5.08 -8.22 11.56
CA ALA A 129 -5.51 -9.33 10.75
C ALA A 129 -7.02 -9.29 10.52
N ALA A 130 -7.44 -9.75 9.34
CA ALA A 130 -8.86 -9.73 9.02
C ALA A 130 -9.67 -10.63 9.95
N THR A 131 -9.10 -11.76 10.38
CA THR A 131 -9.82 -12.62 11.31
C THR A 131 -9.89 -12.02 12.70
N ASP A 132 -8.98 -11.12 13.05
CA ASP A 132 -9.08 -10.42 14.32
C ASP A 132 -10.04 -9.25 14.26
N ALA A 133 -10.75 -9.06 13.14
CA ALA A 133 -11.60 -7.90 12.94
C ALA A 133 -13.02 -8.30 12.55
N ILE A 134 -13.48 -9.45 13.03
CA ILE A 134 -14.84 -9.87 12.74
C ILE A 134 -15.85 -8.95 13.43
N ALA A 135 -15.63 -8.67 14.71
CA ALA A 135 -16.58 -7.87 15.48
C ALA A 135 -16.82 -6.51 14.83
N GLU A 136 -15.74 -5.84 14.43
CA GLU A 136 -15.88 -4.55 13.75
C GLU A 136 -16.66 -4.68 12.46
N VAL A 137 -16.43 -5.76 11.71
CA VAL A 137 -17.14 -5.94 10.44
C VAL A 137 -18.61 -6.25 10.70
N VAL A 138 -18.89 -7.05 11.73
CA VAL A 138 -20.28 -7.31 12.09
C VAL A 138 -20.95 -6.02 12.56
N GLU A 139 -20.31 -5.30 13.48
CA GLU A 139 -20.87 -4.05 13.97
C GLU A 139 -21.16 -3.09 12.82
N MET A 140 -20.30 -3.07 11.81
CA MET A 140 -20.57 -2.26 10.63
C MET A 140 -21.75 -2.82 9.85
N VAL A 141 -21.66 -4.09 9.44
CA VAL A 141 -22.70 -4.68 8.58
C VAL A 141 -24.07 -4.57 9.23
N GLU A 142 -24.12 -4.56 10.56
CA GLU A 142 -25.37 -4.28 11.27
C GLU A 142 -25.90 -2.90 10.90
N LYS A 143 -25.02 -1.90 10.91
CA LYS A 143 -25.46 -0.52 10.67
C LYS A 143 -25.97 -0.33 9.25
N LEU A 144 -25.38 -1.00 8.26
CA LEU A 144 -25.91 -0.88 6.91
C LEU A 144 -27.16 -1.73 6.69
N LEU A 145 -27.34 -2.80 7.45
CA LEU A 145 -28.64 -3.47 7.46
C LEU A 145 -29.71 -2.53 7.98
N ALA A 146 -29.41 -1.81 9.06
CA ALA A 146 -30.40 -0.96 9.71
C ALA A 146 -30.83 0.18 8.79
N SER A 147 -29.91 0.72 7.99
CA SER A 147 -30.24 1.80 7.07
C SER A 147 -30.73 1.29 5.72
N GLY A 148 -30.99 -0.02 5.59
CA GLY A 148 -31.45 -0.56 4.32
C GLY A 148 -30.40 -0.52 3.23
N ALA A 149 -29.24 0.07 3.54
CA ALA A 149 -28.12 0.12 2.59
C ALA A 149 -27.59 -1.27 2.26
N ALA A 150 -27.91 -2.27 3.08
CA ALA A 150 -27.57 -3.65 2.80
C ALA A 150 -28.85 -4.47 2.84
N TYR A 151 -28.75 -5.71 2.34
CA TYR A 151 -29.88 -6.63 2.34
C TYR A 151 -29.34 -8.05 2.33
N ILE A 152 -30.22 -8.99 2.64
CA ILE A 152 -29.88 -10.42 2.64
C ILE A 152 -30.45 -11.04 1.38
N VAL A 153 -29.61 -11.74 0.62
CA VAL A 153 -30.06 -12.36 -0.62
C VAL A 153 -31.15 -13.38 -0.33
N GLU A 154 -32.04 -13.59 -1.30
CA GLU A 154 -33.17 -14.51 -1.14
C GLU A 154 -32.67 -15.94 -1.29
N ASP A 155 -32.01 -16.42 -0.23
CA ASP A 155 -31.33 -17.71 -0.28
C ASP A 155 -31.19 -18.18 1.17
N ALA A 156 -32.17 -18.97 1.63
CA ALA A 156 -32.20 -19.39 3.03
C ALA A 156 -31.04 -20.30 3.41
N GLU A 157 -30.46 -21.02 2.45
CA GLU A 157 -29.33 -21.89 2.77
C GLU A 157 -28.01 -21.12 2.75
N TYR A 158 -27.88 -20.16 1.82
CA TYR A 158 -26.70 -19.30 1.70
C TYR A 158 -27.14 -17.84 1.84
N PRO A 159 -27.57 -17.43 3.05
CA PRO A 159 -28.10 -16.06 3.20
C PRO A 159 -27.02 -14.99 3.16
N ASP A 160 -26.36 -14.81 2.02
CA ASP A 160 -25.33 -13.79 1.88
C ASP A 160 -25.93 -12.40 2.06
N VAL A 161 -25.20 -11.55 2.78
CA VAL A 161 -25.58 -10.15 2.97
C VAL A 161 -24.79 -9.30 1.98
N TYR A 162 -25.50 -8.48 1.21
CA TYR A 162 -24.92 -7.70 0.12
C TYR A 162 -25.13 -6.21 0.33
N PHE A 163 -24.22 -5.41 -0.24
CA PHE A 163 -24.25 -3.96 -0.14
C PHE A 163 -24.77 -3.36 -1.45
N ARG A 164 -25.86 -2.59 -1.35
CA ARG A 164 -26.43 -1.91 -2.51
C ARG A 164 -25.43 -0.89 -3.05
N ALA A 165 -25.16 -0.96 -4.35
CA ALA A 165 -24.23 0.00 -4.96
C ALA A 165 -24.78 1.41 -4.92
N ASP A 166 -26.08 1.58 -5.11
CA ASP A 166 -26.71 2.90 -5.06
C ASP A 166 -27.00 3.36 -3.64
N ALA A 167 -26.34 2.76 -2.63
CA ALA A 167 -26.59 3.11 -1.24
C ALA A 167 -26.06 4.50 -0.95
N THR A 168 -25.42 5.07 -1.96
CA THR A 168 -24.62 6.28 -1.83
C THR A 168 -24.71 7.03 -3.16
N ALA A 169 -25.03 8.31 -3.09
CA ALA A 169 -25.26 9.08 -4.31
C ALA A 169 -23.98 9.31 -5.08
N GLN A 170 -22.85 9.37 -4.37
CA GLN A 170 -21.56 9.68 -4.96
C GLN A 170 -20.79 8.44 -5.37
N PHE A 171 -21.43 7.28 -5.39
CA PHE A 171 -20.75 6.04 -5.73
C PHE A 171 -20.15 6.15 -7.13
N GLY A 172 -18.86 5.83 -7.23
CA GLY A 172 -18.15 5.95 -8.48
C GLY A 172 -17.22 7.15 -8.59
N TYR A 173 -17.24 8.05 -7.60
CA TYR A 173 -16.42 9.27 -7.69
C TYR A 173 -14.94 8.94 -7.68
N GLU A 174 -14.53 7.93 -6.90
CA GLU A 174 -13.10 7.63 -6.77
C GLU A 174 -12.57 6.93 -8.01
N SER A 175 -13.25 5.89 -8.46
CA SER A 175 -12.79 5.13 -9.62
C SER A 175 -12.94 5.94 -10.90
N GLY A 176 -14.12 6.52 -11.13
CA GLY A 176 -14.38 7.35 -12.30
C GLY A 176 -14.84 6.61 -13.53
N TYR A 177 -14.94 5.28 -13.48
CA TYR A 177 -15.30 4.49 -14.64
C TYR A 177 -16.81 4.48 -14.85
N ASP A 178 -17.22 4.30 -16.11
CA ASP A 178 -18.63 4.10 -16.39
C ASP A 178 -19.04 2.67 -16.03
N ARG A 179 -20.35 2.42 -16.06
CA ARG A 179 -20.91 1.17 -15.54
C ARG A 179 -20.44 -0.04 -16.33
N ASP A 180 -20.40 0.07 -17.66
CA ASP A 180 -19.94 -1.04 -18.49
C ASP A 180 -18.53 -1.48 -18.10
N THR A 181 -17.62 -0.53 -17.92
CA THR A 181 -16.25 -0.90 -17.56
C THR A 181 -16.17 -1.34 -16.11
N MET A 182 -17.08 -0.86 -15.26
CA MET A 182 -17.08 -1.31 -13.87
C MET A 182 -17.50 -2.77 -13.77
N LEU A 183 -18.50 -3.17 -14.58
CA LEU A 183 -18.98 -4.54 -14.57
C LEU A 183 -17.87 -5.52 -14.93
N THR A 184 -17.20 -5.29 -16.05
CA THR A 184 -16.23 -6.26 -16.55
C THR A 184 -15.01 -6.38 -15.63
N LEU A 185 -14.66 -5.33 -14.88
CA LEU A 185 -13.58 -5.47 -13.91
C LEU A 185 -14.03 -6.29 -12.70
N PHE A 186 -15.27 -6.11 -12.28
CA PHE A 186 -15.82 -6.84 -11.13
C PHE A 186 -15.64 -8.34 -11.28
N ALA A 187 -15.87 -8.87 -12.48
CA ALA A 187 -15.73 -10.31 -12.70
C ALA A 187 -14.26 -10.73 -12.70
N GLU A 188 -13.36 -9.87 -13.16
CA GLU A 188 -11.94 -10.21 -13.22
C GLU A 188 -11.22 -10.01 -11.89
N ARG A 189 -11.86 -9.36 -10.91
CA ARG A 189 -11.22 -9.04 -9.63
C ARG A 189 -12.00 -9.64 -8.46
N GLY A 190 -12.50 -10.87 -8.64
CA GLY A 190 -13.06 -11.63 -7.53
C GLY A 190 -14.42 -11.21 -7.05
N GLY A 191 -15.39 -11.12 -7.96
CA GLY A 191 -16.74 -10.75 -7.60
C GLY A 191 -17.76 -11.59 -8.34
N ASP A 192 -19.02 -11.42 -7.96
CA ASP A 192 -20.12 -12.27 -8.43
C ASP A 192 -21.12 -11.46 -9.25
N PRO A 193 -20.90 -11.31 -10.56
CA PRO A 193 -21.93 -10.69 -11.40
C PRO A 193 -23.06 -11.63 -11.76
N ASP A 194 -22.92 -12.93 -11.53
CA ASP A 194 -23.91 -13.91 -11.92
C ASP A 194 -24.61 -14.56 -10.73
N ARG A 195 -24.28 -14.16 -9.51
CA ARG A 195 -24.91 -14.74 -8.33
C ARG A 195 -26.42 -14.50 -8.36
N PRO A 196 -27.24 -15.53 -8.26
CA PRO A 196 -28.70 -15.33 -8.32
C PRO A 196 -29.22 -14.61 -7.09
N GLY A 197 -30.40 -14.01 -7.25
CA GLY A 197 -31.09 -13.36 -6.17
C GLY A 197 -30.59 -11.97 -5.82
N LYS A 198 -29.63 -11.45 -6.57
CA LYS A 198 -29.02 -10.16 -6.28
C LYS A 198 -29.82 -9.03 -6.91
N SER A 199 -29.98 -7.94 -6.17
CA SER A 199 -30.76 -6.81 -6.66
C SER A 199 -30.04 -6.08 -7.79
N ASP A 200 -28.72 -5.96 -7.70
CA ASP A 200 -27.89 -5.29 -8.69
C ASP A 200 -26.66 -6.15 -8.96
N GLN A 201 -26.27 -6.22 -10.24
CA GLN A 201 -25.11 -7.01 -10.62
C GLN A 201 -23.85 -6.58 -9.89
N LEU A 202 -23.76 -5.30 -9.53
CA LEU A 202 -22.54 -4.72 -9.00
C LEU A 202 -22.56 -4.64 -7.47
N ASP A 203 -23.56 -5.21 -6.83
CA ASP A 203 -23.58 -5.21 -5.37
C ASP A 203 -22.48 -6.11 -4.83
N ALA A 204 -21.86 -5.68 -3.75
CA ALA A 204 -20.65 -6.32 -3.24
C ALA A 204 -20.98 -7.15 -2.00
N LEU A 205 -20.39 -8.34 -1.93
CA LEU A 205 -20.55 -9.19 -0.77
C LEU A 205 -20.12 -8.47 0.49
N LEU A 206 -20.96 -8.55 1.53
CA LEU A 206 -20.64 -8.06 2.86
C LEU A 206 -20.37 -9.18 3.84
N TRP A 207 -21.15 -10.25 3.77
CA TRP A 207 -20.99 -11.41 4.65
C TRP A 207 -21.32 -12.64 3.83
N ARG A 208 -20.31 -13.44 3.53
CA ARG A 208 -20.53 -14.68 2.78
C ARG A 208 -20.90 -15.78 3.77
N ALA A 209 -22.10 -16.33 3.61
CA ALA A 209 -22.63 -17.29 4.56
C ALA A 209 -21.88 -18.61 4.49
N GLU A 210 -22.01 -19.38 5.56
CA GLU A 210 -21.32 -20.66 5.70
C GLU A 210 -21.54 -21.56 4.50
N ARG A 211 -20.48 -21.81 3.73
CA ARG A 211 -20.51 -22.91 2.78
C ARG A 211 -19.89 -24.15 3.40
N PRO A 212 -20.42 -25.33 3.12
CA PRO A 212 -19.71 -26.57 3.51
C PRO A 212 -18.26 -26.53 3.04
N GLY A 213 -17.37 -27.10 3.86
CA GLY A 213 -15.96 -27.15 3.52
C GLY A 213 -15.20 -25.85 3.70
N GLU A 214 -15.71 -24.92 4.50
CA GLU A 214 -15.22 -23.55 4.58
C GLU A 214 -15.20 -23.06 6.02
N PRO A 215 -14.13 -22.38 6.43
CA PRO A 215 -14.11 -21.77 7.77
C PRO A 215 -15.12 -20.64 7.88
N SER A 216 -15.61 -20.43 9.10
CA SER A 216 -16.72 -19.51 9.32
C SER A 216 -16.73 -19.06 10.77
N TRP A 217 -17.55 -18.05 11.05
CA TRP A 217 -17.68 -17.44 12.36
C TRP A 217 -19.13 -17.03 12.59
N PRO A 218 -19.61 -17.09 13.83
CA PRO A 218 -21.00 -16.75 14.11
C PRO A 218 -21.28 -15.27 13.91
N SER A 219 -22.55 -14.96 13.69
CA SER A 219 -22.98 -13.58 13.45
C SER A 219 -24.51 -13.55 13.44
N PRO A 220 -25.10 -12.38 13.71
CA PRO A 220 -26.56 -12.25 13.62
C PRO A 220 -27.10 -12.47 12.22
N PHE A 221 -26.23 -12.58 11.22
CA PHE A 221 -26.63 -12.81 9.84
C PHE A 221 -26.42 -14.26 9.42
N GLY A 222 -26.20 -15.15 10.38
CA GLY A 222 -25.80 -16.50 10.10
C GLY A 222 -24.30 -16.65 10.21
N ARG A 223 -23.84 -17.88 10.01
CA ARG A 223 -22.42 -18.16 10.08
C ARG A 223 -21.77 -17.99 8.71
N GLY A 224 -20.53 -17.52 8.70
CA GLY A 224 -19.84 -17.30 7.45
C GLY A 224 -18.64 -16.37 7.63
N ARG A 225 -18.15 -15.85 6.50
CA ARG A 225 -16.97 -14.99 6.46
C ARG A 225 -17.32 -13.57 6.03
N PRO A 226 -16.50 -12.59 6.38
CA PRO A 226 -16.71 -11.24 5.87
C PRO A 226 -16.35 -11.12 4.40
N GLY A 227 -16.83 -10.04 3.80
CA GLY A 227 -16.44 -9.71 2.45
C GLY A 227 -15.16 -8.88 2.42
N TRP A 228 -14.52 -8.87 1.26
CA TRP A 228 -13.23 -8.21 1.12
C TRP A 228 -13.30 -6.73 1.50
N HIS A 229 -14.07 -5.95 0.74
CA HIS A 229 -14.01 -4.50 0.88
C HIS A 229 -14.40 -4.02 2.27
N VAL A 230 -15.44 -4.64 2.85
CA VAL A 230 -15.92 -4.20 4.16
C VAL A 230 -14.85 -4.45 5.23
N GLU A 231 -14.02 -5.47 5.04
CA GLU A 231 -12.91 -5.70 5.96
C GLU A 231 -12.06 -4.45 6.12
N CYS A 232 -11.60 -3.90 4.99
CA CYS A 232 -10.68 -2.77 5.04
C CYS A 232 -11.38 -1.47 5.48
N SER A 233 -12.62 -1.22 5.04
CA SER A 233 -13.25 0.02 5.50
C SER A 233 -13.62 -0.07 6.97
N ALA A 234 -13.85 -1.28 7.49
CA ALA A 234 -14.10 -1.43 8.92
C ALA A 234 -12.85 -1.11 9.74
N ILE A 235 -11.75 -1.83 9.47
CA ILE A 235 -10.50 -1.56 10.18
C ILE A 235 -10.12 -0.10 10.06
N ALA A 236 -10.23 0.47 8.85
CA ALA A 236 -9.87 1.86 8.66
C ALA A 236 -10.73 2.79 9.51
N LEU A 237 -12.05 2.55 9.50
CA LEU A 237 -12.95 3.42 10.26
C LEU A 237 -12.70 3.32 11.76
N THR A 238 -12.53 2.09 12.28
CA THR A 238 -12.48 1.93 13.73
C THR A 238 -11.14 2.39 14.30
N ARG A 239 -10.03 2.12 13.61
CA ARG A 239 -8.71 2.49 14.12
C ARG A 239 -8.34 3.95 13.85
N ILE A 240 -9.00 4.62 12.90
CA ILE A 240 -8.65 5.99 12.55
C ILE A 240 -9.84 6.94 12.74
N GLY A 241 -10.93 6.68 12.02
CA GLY A 241 -12.11 7.53 12.10
C GLY A 241 -12.48 8.18 10.79
N THR A 242 -13.26 9.25 10.86
CA THR A 242 -13.79 9.88 9.67
C THR A 242 -12.75 10.71 8.93
N GLY A 243 -11.66 11.09 9.58
CA GLY A 243 -10.67 11.95 8.95
C GLY A 243 -9.43 11.23 8.48
N LEU A 244 -9.57 10.47 7.39
CA LEU A 244 -8.48 9.67 6.84
C LEU A 244 -7.80 10.44 5.72
N ASP A 245 -6.52 10.77 5.92
CA ASP A 245 -5.82 11.60 4.95
C ASP A 245 -5.50 10.85 3.67
N ILE A 246 -4.92 9.66 3.79
CA ILE A 246 -4.49 8.88 2.62
C ILE A 246 -5.06 7.47 2.70
N GLN A 247 -5.60 6.99 1.59
CA GLN A 247 -5.94 5.59 1.41
C GLN A 247 -5.16 5.10 0.19
N GLY A 248 -4.31 4.09 0.39
CA GLY A 248 -3.40 3.66 -0.64
C GLY A 248 -3.41 2.16 -0.83
N GLY A 249 -2.86 1.74 -1.96
CA GLY A 249 -2.68 0.34 -2.25
C GLY A 249 -2.24 0.13 -3.68
N GLY A 250 -2.16 -1.14 -4.07
CA GLY A 250 -1.84 -1.47 -5.44
C GLY A 250 -2.86 -0.93 -6.42
N SER A 251 -2.48 -0.93 -7.70
CA SER A 251 -3.28 -0.23 -8.70
C SER A 251 -4.63 -0.91 -8.96
N ASP A 252 -4.71 -2.24 -8.86
CA ASP A 252 -5.97 -2.94 -9.10
C ASP A 252 -7.10 -2.46 -8.20
N LEU A 253 -6.76 -1.84 -7.07
CA LEU A 253 -7.73 -1.54 -6.03
C LEU A 253 -8.50 -0.24 -6.27
N ILE A 254 -8.11 0.55 -7.28
CA ILE A 254 -8.86 1.71 -7.75
C ILE A 254 -10.34 1.35 -7.86
N PHE A 255 -10.61 0.13 -8.34
CA PHE A 255 -11.93 -0.47 -8.39
C PHE A 255 -11.78 -1.96 -8.65
N PRO A 256 -12.56 -2.83 -8.01
CA PRO A 256 -13.64 -2.51 -7.07
C PRO A 256 -13.21 -1.98 -5.72
N HIS A 257 -12.06 -2.46 -5.22
CA HIS A 257 -11.82 -2.48 -3.79
C HIS A 257 -12.07 -1.12 -3.12
N HIS A 258 -11.30 -0.10 -3.51
CA HIS A 258 -11.33 1.18 -2.78
C HIS A 258 -12.64 1.92 -3.01
N GLU A 259 -13.21 1.81 -4.21
CA GLU A 259 -14.54 2.38 -4.44
C GLU A 259 -15.54 1.88 -3.41
N TYR A 260 -15.57 0.58 -3.17
CA TYR A 260 -16.58 0.03 -2.28
C TYR A 260 -16.29 0.34 -0.82
N SER A 261 -15.02 0.30 -0.42
CA SER A 261 -14.67 0.66 0.95
C SER A 261 -15.16 2.06 1.28
N ALA A 262 -14.87 3.02 0.41
CA ALA A 262 -15.40 4.37 0.60
C ALA A 262 -16.92 4.36 0.65
N ALA A 263 -17.56 3.62 -0.25
CA ALA A 263 -19.02 3.58 -0.26
C ALA A 263 -19.55 3.10 1.09
N HIS A 264 -18.93 2.07 1.67
CA HIS A 264 -19.38 1.55 2.95
C HIS A 264 -19.24 2.58 4.06
N ALA A 265 -18.07 3.20 4.16
CA ALA A 265 -17.82 4.12 5.26
C ALA A 265 -18.66 5.40 5.13
N GLU A 266 -18.83 5.86 3.90
CA GLU A 266 -19.64 7.06 3.68
C GLU A 266 -21.10 6.80 3.99
N SER A 267 -21.57 5.58 3.70
CA SER A 267 -22.96 5.25 3.98
C SER A 267 -23.24 5.05 5.46
N VAL A 268 -22.22 4.95 6.31
CA VAL A 268 -22.44 4.77 7.73
C VAL A 268 -22.03 5.98 8.56
N THR A 269 -21.12 6.81 8.08
CA THR A 269 -20.75 8.03 8.79
C THR A 269 -21.47 9.25 8.27
N GLY A 270 -22.19 9.14 7.15
CA GLY A 270 -22.78 10.29 6.50
C GLY A 270 -21.80 11.17 5.76
N GLU A 271 -20.49 10.90 5.87
CA GLU A 271 -19.49 11.71 5.21
C GLU A 271 -19.56 11.56 3.70
N ARG A 272 -19.28 12.66 2.99
CA ARG A 272 -19.23 12.60 1.53
C ARG A 272 -17.93 11.98 1.03
N ARG A 273 -16.82 12.24 1.71
CA ARG A 273 -15.50 11.79 1.29
C ARG A 273 -14.88 10.94 2.38
N PHE A 274 -14.63 9.67 2.07
CA PHE A 274 -13.99 8.76 3.03
C PHE A 274 -12.52 9.13 3.25
N ALA A 275 -11.80 9.38 2.17
CA ALA A 275 -10.38 9.69 2.24
C ALA A 275 -10.08 10.91 1.39
N ARG A 276 -9.29 11.85 1.93
CA ARG A 276 -8.96 13.05 1.16
C ARG A 276 -8.14 12.70 -0.08
N HIS A 277 -7.34 11.65 -0.03
CA HIS A 277 -6.45 11.28 -1.11
C HIS A 277 -6.53 9.78 -1.34
N TYR A 278 -6.67 9.37 -2.60
CA TYR A 278 -6.60 7.97 -2.99
C TYR A 278 -5.37 7.80 -3.86
N VAL A 279 -4.50 6.86 -3.48
CA VAL A 279 -3.15 6.76 -4.02
C VAL A 279 -2.89 5.31 -4.43
N HIS A 280 -2.49 5.11 -5.67
CA HIS A 280 -2.32 3.78 -6.21
C HIS A 280 -0.96 3.68 -6.89
N THR A 281 -0.40 2.47 -6.85
CA THR A 281 0.95 2.26 -7.35
C THR A 281 1.13 0.76 -7.57
N GLY A 282 2.05 0.41 -8.46
CA GLY A 282 2.29 -1.00 -8.65
C GLY A 282 3.33 -1.39 -9.67
N MET A 283 3.89 -2.57 -9.47
CA MET A 283 4.81 -3.20 -10.41
C MET A 283 4.08 -4.31 -11.15
N ILE A 284 4.59 -4.64 -12.34
CA ILE A 284 4.07 -5.74 -13.14
C ILE A 284 5.21 -6.70 -13.45
N GLY A 285 4.83 -7.95 -13.73
CA GLY A 285 5.79 -8.96 -14.10
C GLY A 285 6.28 -8.74 -15.51
N TRP A 286 7.21 -9.60 -15.93
CA TRP A 286 7.76 -9.48 -17.27
C TRP A 286 6.69 -9.63 -18.36
N ASP A 287 5.52 -10.15 -18.03
CA ASP A 287 4.50 -10.49 -19.01
C ASP A 287 3.34 -9.49 -19.06
N GLY A 288 3.43 -8.38 -18.34
CA GLY A 288 2.34 -7.42 -18.31
C GLY A 288 1.13 -7.86 -17.50
N HIS A 289 1.23 -8.96 -16.76
CA HIS A 289 0.21 -9.35 -15.81
C HIS A 289 0.74 -9.18 -14.39
N LYS A 290 -0.18 -9.11 -13.43
CA LYS A 290 0.19 -9.08 -12.03
C LYS A 290 1.10 -10.26 -11.70
N MET A 291 2.01 -10.06 -10.76
CA MET A 291 2.92 -11.13 -10.40
C MET A 291 2.19 -12.17 -9.56
N SER A 292 2.44 -13.45 -9.87
CA SER A 292 1.85 -14.53 -9.11
C SER A 292 2.61 -15.81 -9.42
N LYS A 293 2.57 -16.75 -8.49
CA LYS A 293 3.20 -18.04 -8.74
C LYS A 293 2.49 -18.77 -9.87
N SER A 294 1.18 -18.54 -10.01
CA SER A 294 0.41 -19.19 -11.07
C SER A 294 0.94 -18.87 -12.45
N ARG A 295 1.45 -17.65 -12.65
CA ARG A 295 1.88 -17.22 -13.97
C ARG A 295 3.32 -17.55 -14.29
N GLY A 296 4.12 -17.94 -13.30
CA GLY A 296 5.54 -18.13 -13.54
C GLY A 296 6.23 -16.84 -13.87
N ASN A 297 5.87 -15.76 -13.16
CA ASN A 297 6.45 -14.43 -13.36
C ASN A 297 6.79 -13.79 -12.04
N LEU A 298 6.96 -14.59 -11.00
CA LEU A 298 7.18 -14.08 -9.65
C LEU A 298 8.66 -13.83 -9.41
N VAL A 299 8.98 -12.60 -9.01
CA VAL A 299 10.29 -12.26 -8.48
C VAL A 299 10.09 -11.86 -7.03
N LEU A 300 10.65 -12.63 -6.11
CA LEU A 300 10.64 -12.27 -4.69
C LEU A 300 11.87 -11.43 -4.35
N VAL A 301 11.69 -10.51 -3.41
CA VAL A 301 12.86 -9.71 -2.93
C VAL A 301 13.74 -10.72 -2.22
N SER A 302 13.12 -11.74 -1.62
CA SER A 302 13.90 -12.81 -0.95
C SER A 302 14.87 -13.42 -1.95
N GLN A 303 14.42 -13.58 -3.20
CA GLN A 303 15.28 -14.22 -4.23
C GLN A 303 16.33 -13.21 -4.69
N LEU A 304 16.00 -11.93 -4.64
CA LEU A 304 16.99 -10.89 -5.03
C LEU A 304 18.04 -10.80 -3.93
N ARG A 305 17.61 -10.85 -2.67
CA ARG A 305 18.57 -10.82 -1.54
C ARG A 305 19.48 -12.05 -1.64
N ALA A 306 18.91 -13.18 -2.04
CA ALA A 306 19.73 -14.40 -2.25
C ALA A 306 20.67 -14.15 -3.42
N GLN A 307 20.16 -13.61 -4.53
CA GLN A 307 21.05 -13.25 -5.61
C GLN A 307 22.09 -12.21 -5.19
N GLY A 308 22.13 -11.83 -3.93
CA GLY A 308 23.12 -10.89 -3.46
C GLY A 308 22.86 -9.45 -3.83
N VAL A 309 21.61 -9.01 -3.83
CA VAL A 309 21.30 -7.61 -4.08
C VAL A 309 21.08 -6.92 -2.74
N ASP A 310 21.80 -5.82 -2.52
CA ASP A 310 21.62 -5.00 -1.34
C ASP A 310 20.16 -4.53 -1.26
N PRO A 311 19.53 -4.59 -0.09
CA PRO A 311 18.16 -4.07 0.02
C PRO A 311 18.05 -2.60 -0.38
N SER A 312 19.10 -1.81 -0.21
CA SER A 312 19.05 -0.43 -0.66
C SER A 312 19.03 -0.36 -2.18
N ALA A 313 19.73 -1.28 -2.85
CA ALA A 313 19.67 -1.32 -4.31
C ALA A 313 18.25 -1.59 -4.81
N ILE A 314 17.48 -2.39 -4.07
CA ILE A 314 16.10 -2.61 -4.45
C ILE A 314 15.30 -1.31 -4.31
N ARG A 315 15.60 -0.51 -3.30
CA ARG A 315 14.95 0.80 -3.18
C ARG A 315 15.33 1.70 -4.34
N LEU A 316 16.64 1.94 -4.54
CA LEU A 316 17.04 2.76 -5.68
C LEU A 316 16.53 2.20 -7.00
N GLY A 317 16.50 0.88 -7.12
CA GLY A 317 16.02 0.28 -8.35
C GLY A 317 14.61 0.72 -8.65
N LEU A 318 13.70 0.43 -7.70
CA LEU A 318 12.29 0.75 -7.87
C LEU A 318 12.04 2.25 -7.89
N PHE A 319 12.87 3.04 -7.21
CA PHE A 319 12.68 4.48 -7.21
C PHE A 319 13.17 5.15 -8.47
N SER A 320 13.92 4.44 -9.33
CA SER A 320 14.42 5.07 -10.54
C SER A 320 13.29 5.55 -11.43
N GLY A 321 12.12 4.91 -11.35
CA GLY A 321 10.95 5.39 -12.03
C GLY A 321 10.01 6.11 -11.07
N HIS A 322 9.17 6.96 -11.63
CA HIS A 322 8.09 7.58 -10.87
C HIS A 322 7.03 6.54 -10.52
N TYR A 323 6.36 6.75 -9.39
CA TYR A 323 5.45 5.73 -8.86
C TYR A 323 4.18 5.57 -9.68
N ARG A 324 3.78 6.60 -10.44
CA ARG A 324 2.68 6.46 -11.39
C ARG A 324 3.18 6.18 -12.79
N GLU A 325 4.38 5.62 -12.92
CA GLU A 325 4.96 5.15 -14.16
C GLU A 325 4.85 3.62 -14.20
N ASP A 326 5.17 3.05 -15.35
CA ASP A 326 5.06 1.60 -15.55
C ASP A 326 6.38 0.95 -15.18
N ARG A 327 6.60 0.79 -13.88
CA ARG A 327 7.85 0.24 -13.38
C ARG A 327 8.03 -1.22 -13.82
N PHE A 328 9.28 -1.57 -14.15
CA PHE A 328 9.65 -2.93 -14.50
C PHE A 328 11.05 -3.19 -14.02
N TRP A 329 11.23 -4.29 -13.27
CA TRP A 329 12.55 -4.69 -12.82
C TRP A 329 13.29 -5.41 -13.94
N SER A 330 14.62 -5.25 -13.95
CA SER A 330 15.45 -5.87 -14.97
C SER A 330 16.89 -5.77 -14.55
N ASN A 331 17.75 -6.57 -15.21
CA ASN A 331 19.18 -6.45 -14.95
C ASN A 331 19.70 -5.08 -15.32
N GLU A 332 19.03 -4.41 -16.27
CA GLU A 332 19.34 -3.02 -16.56
C GLU A 332 19.14 -2.16 -15.32
N VAL A 333 17.94 -2.22 -14.73
CA VAL A 333 17.62 -1.37 -13.58
C VAL A 333 18.47 -1.75 -12.38
N LEU A 334 18.71 -3.06 -12.19
CA LEU A 334 19.54 -3.51 -11.07
C LEU A 334 20.94 -2.92 -11.14
N ASP A 335 21.49 -2.79 -12.35
CA ASP A 335 22.86 -2.28 -12.48
C ASP A 335 22.92 -0.77 -12.27
N GLU A 336 21.93 -0.04 -12.76
CA GLU A 336 21.89 1.40 -12.48
C GLU A 336 21.77 1.66 -10.97
N ALA A 337 21.03 0.80 -10.27
CA ALA A 337 20.97 0.96 -8.81
C ALA A 337 22.30 0.60 -8.16
N ASN A 338 22.94 -0.45 -8.67
CA ASN A 338 24.23 -0.87 -8.10
C ASN A 338 25.30 0.19 -8.36
N ALA A 339 25.35 0.73 -9.58
CA ALA A 339 26.30 1.80 -9.87
C ALA A 339 25.96 3.06 -9.08
N ARG A 340 24.68 3.41 -9.02
CA ARG A 340 24.27 4.59 -8.27
C ARG A 340 24.54 4.41 -6.78
N LEU A 341 24.37 3.20 -6.26
CA LEU A 341 24.68 2.98 -4.86
C LEU A 341 26.18 3.09 -4.60
N ALA A 342 26.99 2.54 -5.51
CA ALA A 342 28.43 2.68 -5.38
C ALA A 342 28.84 4.14 -5.43
N ARG A 343 28.31 4.88 -6.40
CA ARG A 343 28.70 6.27 -6.57
C ARG A 343 28.34 7.10 -5.34
N TRP A 344 27.13 6.91 -4.81
CA TRP A 344 26.70 7.66 -3.63
C TRP A 344 27.54 7.30 -2.40
N ARG A 345 27.89 6.02 -2.24
CA ARG A 345 28.58 5.62 -1.01
C ARG A 345 29.99 6.19 -0.96
N SER A 346 30.63 6.40 -2.10
CA SER A 346 31.99 6.93 -2.10
C SER A 346 32.02 8.43 -1.83
N ALA A 347 31.01 9.17 -2.31
CA ALA A 347 30.93 10.60 -1.99
C ALA A 347 30.69 10.82 -0.50
N THR A 348 29.78 10.04 0.09
CA THR A 348 29.51 10.16 1.52
C THR A 348 30.65 9.68 2.40
N ALA A 349 31.65 8.99 1.82
CA ALA A 349 32.85 8.58 2.55
C ALA A 349 34.00 9.56 2.40
N LEU A 350 33.78 10.68 1.71
CA LEU A 350 34.84 11.66 1.49
C LEU A 350 35.13 12.42 2.79
N PRO A 351 36.36 12.92 2.95
CA PRO A 351 36.64 13.74 4.15
C PRO A 351 35.98 15.11 4.09
N GLU A 352 35.85 15.70 2.90
CA GLU A 352 35.25 17.01 2.73
C GLU A 352 34.65 17.12 1.34
N ALA A 353 33.56 17.87 1.25
CA ALA A 353 32.75 17.97 0.04
C ALA A 353 32.14 19.36 -0.01
N PRO A 354 31.59 19.77 -1.15
CA PRO A 354 30.94 21.09 -1.21
C PRO A 354 29.71 21.12 -0.31
N ASP A 355 29.30 22.35 -0.01
CA ASP A 355 28.10 22.54 0.81
C ASP A 355 26.92 21.79 0.22
N ALA A 356 26.10 21.22 1.11
CA ALA A 356 24.99 20.36 0.70
C ALA A 356 23.63 20.92 1.02
N THR A 357 23.56 21.99 1.82
CA THR A 357 22.30 22.60 2.19
C THR A 357 21.35 22.77 1.01
N ASP A 358 21.89 23.20 -0.13
CA ASP A 358 21.14 23.30 -1.38
C ASP A 358 20.55 21.95 -1.77
N VAL A 359 21.41 20.97 -2.10
CA VAL A 359 20.94 19.71 -2.66
C VAL A 359 19.96 19.01 -1.73
N ILE A 360 20.02 19.29 -0.43
CA ILE A 360 19.00 18.77 0.48
C ILE A 360 17.67 19.46 0.24
N ALA A 361 17.69 20.76 -0.02
CA ALA A 361 16.46 21.48 -0.35
C ALA A 361 15.91 21.08 -1.71
N ARG A 362 16.78 20.73 -2.66
CA ARG A 362 16.27 20.27 -3.94
C ARG A 362 15.62 18.90 -3.82
N VAL A 363 16.19 18.03 -2.99
CA VAL A 363 15.61 16.70 -2.79
C VAL A 363 14.30 16.79 -2.01
N ARG A 364 14.27 17.60 -0.95
CA ARG A 364 13.02 17.82 -0.23
C ARG A 364 11.93 18.37 -1.13
N GLN A 365 12.30 19.17 -2.13
CA GLN A 365 11.35 19.79 -3.06
C GLN A 365 10.84 18.78 -4.09
N TYR A 366 11.74 17.93 -4.61
CA TYR A 366 11.33 16.98 -5.63
C TYR A 366 10.44 15.89 -5.05
N LEU A 367 10.68 15.48 -3.80
CA LEU A 367 9.82 14.47 -3.20
C LEU A 367 8.43 15.03 -2.87
N ALA A 368 8.36 16.30 -2.47
CA ALA A 368 7.05 16.89 -2.20
C ALA A 368 6.24 17.13 -3.46
N ASP A 369 6.82 16.86 -4.65
CA ASP A 369 6.13 17.10 -5.91
C ASP A 369 5.64 15.76 -6.49
N ASP A 370 4.60 15.24 -5.83
CA ASP A 370 4.05 13.92 -6.13
C ASP A 370 5.13 12.85 -6.16
N LEU A 371 6.07 12.91 -5.21
CA LEU A 371 7.08 11.86 -5.02
C LEU A 371 7.90 11.64 -6.29
N ASP A 372 8.68 12.65 -6.65
CA ASP A 372 9.41 12.68 -7.92
C ASP A 372 10.84 12.20 -7.69
N THR A 373 10.95 10.89 -7.42
CA THR A 373 12.24 10.28 -7.14
C THR A 373 13.17 10.25 -8.35
N PRO A 374 12.70 10.19 -9.60
CA PRO A 374 13.65 10.33 -10.72
C PRO A 374 14.45 11.62 -10.66
N LYS A 375 13.78 12.76 -10.49
CA LYS A 375 14.49 14.03 -10.40
C LYS A 375 15.23 14.18 -9.07
N ALA A 376 14.80 13.48 -8.02
CA ALA A 376 15.51 13.55 -6.75
C ALA A 376 16.77 12.71 -6.76
N LEU A 377 16.77 11.58 -7.47
CA LEU A 377 17.98 10.78 -7.59
C LEU A 377 19.02 11.46 -8.45
N ALA A 378 18.57 12.28 -9.42
CA ALA A 378 19.50 12.93 -10.32
C ALA A 378 20.21 14.09 -9.64
N ALA A 379 19.51 14.81 -8.76
CA ALA A 379 20.16 15.85 -7.98
C ALA A 379 21.26 15.28 -7.11
N LEU A 380 21.09 14.03 -6.67
CA LEU A 380 22.12 13.39 -5.87
C LEU A 380 23.24 12.87 -6.74
N ASP A 381 22.91 12.39 -7.95
CA ASP A 381 23.95 12.03 -8.91
C ASP A 381 24.83 13.23 -9.26
N GLY A 382 24.29 14.44 -9.16
CA GLY A 382 25.03 15.64 -9.52
C GLY A 382 25.91 16.16 -8.40
N TRP A 383 25.39 16.17 -7.18
CA TRP A 383 26.20 16.53 -6.01
C TRP A 383 27.34 15.54 -5.81
N CYS A 384 27.20 14.32 -6.32
CA CYS A 384 28.25 13.34 -6.19
C CYS A 384 29.32 13.55 -7.26
N THR A 385 28.90 13.86 -8.50
CA THR A 385 29.90 14.13 -9.54
C THR A 385 30.77 15.33 -9.19
N ASP A 386 30.17 16.39 -8.66
CA ASP A 386 30.96 17.56 -8.28
C ASP A 386 31.91 17.24 -7.15
N ALA A 387 31.47 16.42 -6.21
CA ALA A 387 32.31 16.11 -5.06
C ALA A 387 33.49 15.21 -5.46
N LEU A 388 33.21 14.07 -6.10
CA LEU A 388 34.28 13.18 -6.52
C LEU A 388 35.22 13.85 -7.53
N SER A 389 34.65 14.46 -8.57
CA SER A 389 35.48 15.02 -9.62
C SER A 389 36.30 16.21 -9.12
N TYR A 390 35.69 17.09 -8.32
CA TYR A 390 36.31 18.37 -7.99
C TYR A 390 36.57 18.63 -6.51
N GLY A 391 35.83 17.98 -5.60
CA GLY A 391 36.09 18.15 -4.18
C GLY A 391 35.39 19.36 -3.57
N GLY A 392 35.57 19.48 -2.26
CA GLY A 392 34.99 20.57 -1.49
C GLY A 392 35.73 20.78 -0.19
N HIS A 393 35.06 21.43 0.78
CA HIS A 393 35.72 21.80 2.03
C HIS A 393 34.86 21.68 3.29
N ASP A 394 33.59 21.28 3.17
CA ASP A 394 32.77 20.96 4.33
C ASP A 394 33.17 19.58 4.84
N THR A 395 33.76 19.53 6.03
CA THR A 395 34.00 18.25 6.67
C THR A 395 32.75 17.69 7.35
N GLU A 396 31.57 18.26 7.05
CA GLU A 396 30.32 17.76 7.58
C GLU A 396 29.30 17.38 6.51
N SER A 397 29.41 17.92 5.30
CA SER A 397 28.43 17.60 4.27
C SER A 397 28.43 16.13 3.85
N PRO A 398 29.54 15.37 3.91
CA PRO A 398 29.42 13.92 3.71
C PRO A 398 28.41 13.27 4.64
N ARG A 399 28.61 13.39 5.96
CA ARG A 399 27.72 12.73 6.90
C ARG A 399 26.31 13.27 6.81
N LEU A 400 26.17 14.57 6.57
CA LEU A 400 24.83 15.16 6.47
C LEU A 400 24.07 14.59 5.27
N VAL A 401 24.75 14.42 4.13
CA VAL A 401 24.09 13.84 2.97
C VAL A 401 23.75 12.38 3.22
N ALA A 402 24.68 11.63 3.82
CA ALA A 402 24.39 10.24 4.17
C ALA A 402 23.13 10.14 5.02
N THR A 403 23.04 10.93 6.08
CA THR A 403 21.94 10.75 7.02
C THR A 403 20.64 11.34 6.52
N THR A 404 20.67 12.24 5.53
CA THR A 404 19.42 12.71 4.96
C THR A 404 18.90 11.73 3.92
N VAL A 405 19.79 11.02 3.21
CA VAL A 405 19.35 9.95 2.33
C VAL A 405 18.74 8.83 3.14
N ASP A 406 19.26 8.58 4.34
CA ASP A 406 18.70 7.55 5.21
C ASP A 406 17.30 7.95 5.68
N ALA A 407 17.17 9.17 6.23
CA ALA A 407 15.90 9.58 6.80
C ALA A 407 14.81 9.65 5.73
N LEU A 408 15.11 10.30 4.60
CA LEU A 408 14.05 10.55 3.61
C LEU A 408 13.81 9.34 2.71
N LEU A 409 14.86 8.63 2.32
CA LEU A 409 14.76 7.59 1.32
C LEU A 409 14.81 6.17 1.88
N GLY A 410 15.35 5.98 3.09
CA GLY A 410 15.54 4.65 3.61
C GLY A 410 16.78 3.96 3.10
N VAL A 411 17.49 4.57 2.16
CA VAL A 411 18.73 4.02 1.66
C VAL A 411 19.81 4.16 2.73
N ASP A 412 20.57 3.10 2.95
CA ASP A 412 21.66 3.09 3.95
C ASP A 412 22.99 3.32 3.24
N LEU A 413 23.58 4.49 3.46
CA LEU A 413 24.89 4.78 2.89
C LEU A 413 25.98 4.57 3.93
N1 XG8 B . -3.28 -8.19 -1.50
C5 XG8 B . -1.27 -6.96 -2.92
C6 XG8 B . -0.91 -6.64 -4.23
C7 XG8 B . -0.21 -5.47 -4.48
C8 XG8 B . 0.14 -4.63 -3.43
C1 XG8 B . -4.32 -7.34 -1.74
C2 XG8 B . -5.34 -7.20 -0.62
C3 XG8 B . -5.49 -5.75 -0.19
C9 XG8 B . -0.24 -4.96 -2.13
N2 XG8 B . -5.03 -8.09 0.51
O1 XG8 B . -4.45 -6.72 -2.80
C10 XG8 B . -0.95 -6.11 -1.87
C11 XG8 B . 0.09 -5.06 -5.87
C13 XG8 B . 0.44 -4.97 -8.32
C14 XG8 B . 0.71 -3.79 -7.74
C15 XG8 B . 0.51 -3.83 -6.33
O4A XG8 B . -2.73 -8.94 -3.77
O4B XG8 B . -1.14 -9.35 -1.91
S12 XG8 B . -0.05 -6.14 -7.20
S3 XG8 B . -6.81 -5.49 1.03
S4 XG8 B . -2.08 -8.49 -2.57
ZN ZN C . -7.72 -3.47 1.34
CA CA D . -13.57 11.53 -9.42
#